data_3RR5
#
_entry.id   3RR5
#
_cell.length_a   76.950
_cell.length_b   85.600
_cell.length_c   105.960
_cell.angle_alpha   90.00
_cell.angle_beta   90.00
_cell.angle_gamma   90.00
#
_symmetry.space_group_name_H-M   'P 21 21 21'
#
loop_
_entity.id
_entity.type
_entity.pdbx_description
1 polymer 'DNA ligase'
2 non-polymer 'MAGNESIUM ION'
3 water water
#
_entity_poly.entity_id   1
_entity_poly.type   'polypeptide(L)'
_entity_poly.pdbx_seq_one_letter_code
;MRGSHHHHHHGSKYSELADLYRRLEKTTLKTLKTKFVADFLKKTPDELLEVVPYLILGKVFPDWDERELGVGEKLLIKAV
SMATGVPEKEIENSIKDTGDLGESVALALKKRKQKSFFSQPLTIKRVYSTFVKVAEASGEGSQDRKMKYLANLFMDAQPE
EGKYIARTVLGTMRTGVAEGILRDAIAEAFRVKPELVERAYMLTSDFGYVAKVAKLEGNEGLSKVSIQIGKPIRPMLAQN
AASVKEALIEMGGEAAFEIKYDGARVQVHRDGDRVIIYSRRLENVTRSIPEIVEAVKASLKPSKVIVEGELVAVGENGRP
RPFQYVLRRFRRKYNIDEMIEKIPLELNLFDILYVDGESLIDTEFVERRKRLEESVEESEKIKIAEQLVTKKVEEAEAFY
KRALELGHEGLMAKRLDSVYEPGNRGKKWLKIKPTMENLDLVIIGAEWGEGRRAHLLGSFLVAAYDPDSGEFLPVGKVGS
GFTDEDLVEFTKMLKPLILREEGKFVEIEPKVVIEVTYQEIQKSPKYRSGFALRFPRYVALREDKSPEEADTIERIAQLY
ELQEKFKAKR
;
_entity_poly.pdbx_strand_id   A
#
loop_
_chem_comp.id
_chem_comp.type
_chem_comp.name
_chem_comp.formula
MG non-polymer 'MAGNESIUM ION' 'Mg 2'
#
# COMPACT_ATOMS: atom_id res chain seq x y z
N SER A 12 -27.15 -11.40 20.37
CA SER A 12 -27.41 -10.56 21.55
C SER A 12 -27.31 -9.05 21.28
N LYS A 13 -27.38 -8.29 22.36
CA LYS A 13 -27.64 -6.85 22.31
C LYS A 13 -26.47 -5.98 21.88
N TYR A 14 -26.75 -4.92 21.11
CA TYR A 14 -25.76 -3.93 20.69
C TYR A 14 -25.33 -3.11 21.90
N SER A 15 -26.01 -3.36 23.01
CA SER A 15 -25.65 -2.82 24.31
C SER A 15 -24.20 -3.18 24.61
N GLU A 16 -23.92 -4.48 24.59
CA GLU A 16 -22.60 -5.01 24.91
C GLU A 16 -21.54 -4.40 24.01
N LEU A 17 -21.91 -4.14 22.76
CA LEU A 17 -21.00 -3.51 21.82
C LEU A 17 -20.65 -2.09 22.26
N ALA A 18 -21.69 -1.35 22.66
CA ALA A 18 -21.50 0.02 23.13
C ALA A 18 -20.65 0.04 24.42
N ASP A 19 -20.89 -0.94 25.29
CA ASP A 19 -20.09 -1.13 26.47
C ASP A 19 -18.61 -1.29 26.08
N LEU A 20 -18.32 -2.19 25.14
CA LEU A 20 -16.95 -2.37 24.70
C LEU A 20 -16.40 -1.03 24.25
N TYR A 21 -17.05 -0.40 23.28
CA TYR A 21 -16.59 0.91 22.76
C TYR A 21 -16.34 1.89 23.90
N ARG A 22 -17.04 1.72 25.02
CA ARG A 22 -16.84 2.53 26.20
C ARG A 22 -15.51 2.16 26.86
N ARG A 23 -15.39 0.91 27.31
CA ARG A 23 -14.17 0.42 27.95
C ARG A 23 -12.97 0.83 27.13
N LEU A 24 -13.02 0.51 25.84
CA LEU A 24 -11.96 0.85 24.91
C LEU A 24 -11.58 2.32 24.94
N GLU A 25 -12.58 3.20 24.84
CA GLU A 25 -12.31 4.64 24.85
C GLU A 25 -11.59 5.07 26.15
N LYS A 26 -12.03 4.52 27.28
CA LYS A 26 -11.47 4.85 28.59
C LYS A 26 -9.96 4.58 28.68
N THR A 27 -9.49 3.49 28.07
CA THR A 27 -8.10 3.09 28.26
C THR A 27 -7.14 3.52 27.13
N THR A 28 -5.96 3.98 27.56
CA THR A 28 -4.86 4.26 26.62
C THR A 28 -4.01 3.00 26.38
N LEU A 29 -4.35 1.90 27.05
CA LEU A 29 -3.48 0.73 27.09
C LEU A 29 -3.83 -0.33 26.07
N LYS A 30 -3.01 -0.47 25.04
CA LYS A 30 -3.24 -1.50 23.99
C LYS A 30 -3.40 -2.93 24.55
N THR A 31 -2.59 -3.32 25.54
CA THR A 31 -2.74 -4.66 26.11
C THR A 31 -4.13 -4.86 26.69
N LEU A 32 -4.67 -3.84 27.34
CA LEU A 32 -6.04 -3.90 27.85
C LEU A 32 -7.08 -3.87 26.73
N LYS A 33 -6.94 -2.97 25.76
CA LYS A 33 -7.79 -3.02 24.58
C LYS A 33 -7.87 -4.44 24.02
N THR A 34 -6.71 -5.12 23.97
CA THR A 34 -6.68 -6.51 23.59
C THR A 34 -7.54 -7.31 24.54
N LYS A 35 -7.23 -7.26 25.83
CA LYS A 35 -8.02 -7.99 26.81
C LYS A 35 -9.54 -7.81 26.60
N PHE A 36 -9.99 -6.58 26.49
CA PHE A 36 -11.40 -6.27 26.34
C PHE A 36 -12.00 -6.90 25.11
N VAL A 37 -11.49 -6.55 23.93
CA VAL A 37 -11.96 -7.17 22.69
C VAL A 37 -12.01 -8.69 22.85
N ALA A 38 -10.91 -9.25 23.36
CA ALA A 38 -10.77 -10.68 23.62
C ALA A 38 -11.91 -11.27 24.44
N ASP A 39 -12.12 -10.66 25.62
CA ASP A 39 -13.12 -11.07 26.59
C ASP A 39 -14.52 -11.05 25.98
N PHE A 40 -14.83 -9.96 25.31
CA PHE A 40 -16.08 -9.85 24.59
C PHE A 40 -16.23 -10.86 23.43
N LEU A 41 -15.12 -11.23 22.80
CA LEU A 41 -15.17 -12.23 21.75
C LEU A 41 -15.63 -13.52 22.38
N LYS A 42 -15.05 -13.87 23.53
CA LYS A 42 -15.42 -15.12 24.17
C LYS A 42 -16.91 -15.20 24.44
N LYS A 43 -17.57 -14.04 24.50
CA LYS A 43 -18.99 -14.03 24.85
C LYS A 43 -19.88 -14.15 23.61
N THR A 44 -19.25 -14.22 22.44
CA THR A 44 -19.98 -14.16 21.18
C THR A 44 -20.47 -15.52 20.72
N PRO A 45 -21.77 -15.60 20.38
CA PRO A 45 -22.40 -16.75 19.73
C PRO A 45 -21.98 -16.82 18.27
N ASP A 46 -21.93 -18.03 17.74
CA ASP A 46 -21.35 -18.31 16.42
C ASP A 46 -22.02 -17.57 15.28
N GLU A 47 -23.24 -17.10 15.49
CA GLU A 47 -23.91 -16.43 14.39
C GLU A 47 -23.21 -15.13 14.10
N LEU A 48 -22.85 -14.40 15.16
CA LEU A 48 -22.26 -13.08 15.00
C LEU A 48 -20.75 -13.09 14.81
N LEU A 49 -20.13 -14.26 14.99
CA LEU A 49 -18.69 -14.38 14.94
C LEU A 49 -18.10 -13.84 13.64
N GLU A 50 -18.84 -13.97 12.55
CA GLU A 50 -18.37 -13.42 11.27
C GLU A 50 -18.66 -11.92 11.16
N VAL A 51 -19.68 -11.47 11.88
CA VAL A 51 -20.09 -10.07 11.86
C VAL A 51 -19.29 -9.18 12.81
N VAL A 52 -19.06 -9.71 14.00
CA VAL A 52 -18.54 -8.94 15.13
C VAL A 52 -17.21 -8.20 14.90
N PRO A 53 -16.18 -8.92 14.41
CA PRO A 53 -14.87 -8.27 14.27
C PRO A 53 -14.96 -7.01 13.46
N TYR A 54 -15.60 -7.06 12.30
CA TYR A 54 -15.72 -5.86 11.47
C TYR A 54 -16.40 -4.73 12.25
N LEU A 55 -17.47 -5.07 12.96
CA LEU A 55 -18.13 -4.12 13.85
C LEU A 55 -17.13 -3.54 14.84
N ILE A 56 -16.37 -4.42 15.48
CA ILE A 56 -15.31 -3.97 16.39
C ILE A 56 -14.32 -2.99 15.75
N LEU A 57 -14.03 -3.16 14.46
CA LEU A 57 -13.13 -2.23 13.78
C LEU A 57 -13.87 -0.97 13.36
N GLY A 58 -15.19 -1.01 13.48
CA GLY A 58 -15.98 0.17 13.21
C GLY A 58 -16.37 0.20 11.77
N LYS A 59 -16.32 -0.99 11.17
CA LYS A 59 -16.69 -1.19 9.78
C LYS A 59 -17.81 -2.22 9.76
N VAL A 60 -18.27 -2.52 8.54
CA VAL A 60 -19.39 -3.43 8.30
C VAL A 60 -18.90 -4.60 7.46
N PHE A 61 -18.29 -4.25 6.34
CA PHE A 61 -17.74 -5.22 5.40
C PHE A 61 -16.22 -5.06 5.27
N PRO A 62 -15.56 -6.08 4.71
CA PRO A 62 -14.13 -6.03 4.38
C PRO A 62 -13.77 -4.94 3.37
N ASP A 63 -12.53 -4.49 3.39
CA ASP A 63 -12.09 -3.43 2.47
C ASP A 63 -12.23 -3.86 1.02
N TRP A 64 -12.20 -5.17 0.83
CA TRP A 64 -12.35 -5.77 -0.48
C TRP A 64 -13.81 -6.16 -0.82
N ASP A 65 -14.76 -5.82 0.05
CA ASP A 65 -16.18 -5.93 -0.31
C ASP A 65 -16.61 -4.73 -1.15
N GLU A 66 -17.35 -5.00 -2.23
CA GLU A 66 -17.83 -3.96 -3.17
C GLU A 66 -18.98 -3.16 -2.58
N ARG A 67 -19.65 -3.74 -1.59
CA ARG A 67 -20.72 -3.07 -0.87
C ARG A 67 -20.18 -1.93 -0.03
N GLU A 68 -20.84 -0.78 -0.11
CA GLU A 68 -20.66 0.28 0.87
C GLU A 68 -21.99 0.99 1.04
N LEU A 69 -22.33 1.34 2.28
CA LEU A 69 -23.55 2.13 2.51
C LEU A 69 -23.29 3.57 2.09
N GLY A 70 -24.20 4.14 1.32
CA GLY A 70 -23.92 5.41 0.66
C GLY A 70 -23.96 6.70 1.47
N VAL A 71 -24.11 6.62 2.79
CA VAL A 71 -24.69 7.73 3.57
C VAL A 71 -23.73 8.85 4.00
N GLY A 72 -23.92 10.06 3.48
CA GLY A 72 -23.13 11.21 3.87
C GLY A 72 -23.68 11.88 5.14
N GLU A 73 -23.01 12.92 5.64
CA GLU A 73 -23.43 13.56 6.88
C GLU A 73 -24.79 14.23 6.76
N LYS A 74 -24.92 15.09 5.75
CA LYS A 74 -26.16 15.83 5.51
C LYS A 74 -27.30 14.86 5.23
N LEU A 75 -26.99 13.73 4.60
CA LEU A 75 -27.96 12.66 4.40
C LEU A 75 -28.30 11.99 5.73
N LEU A 76 -27.27 11.73 6.53
CA LEU A 76 -27.44 11.17 7.86
C LEU A 76 -28.15 12.16 8.77
N ILE A 77 -28.04 13.45 8.44
CA ILE A 77 -28.74 14.49 9.17
C ILE A 77 -30.25 14.25 9.14
N LYS A 78 -30.76 13.87 7.96
CA LYS A 78 -32.18 13.61 7.75
C LYS A 78 -32.71 12.42 8.54
N ALA A 79 -32.07 11.26 8.35
CA ALA A 79 -32.44 10.04 9.05
C ALA A 79 -32.45 10.24 10.56
N VAL A 80 -31.54 11.09 11.03
CA VAL A 80 -31.51 11.44 12.42
C VAL A 80 -32.78 12.22 12.76
N SER A 81 -32.98 13.34 12.05
CA SER A 81 -34.07 14.30 12.34
C SER A 81 -35.42 13.63 12.51
N MET A 82 -35.77 12.73 11.60
CA MET A 82 -37.10 12.14 11.62
C MET A 82 -37.26 11.11 12.74
N ALA A 83 -36.14 10.68 13.33
CA ALA A 83 -36.20 9.94 14.58
C ALA A 83 -36.34 10.94 15.72
N THR A 84 -35.62 12.05 15.59
CA THR A 84 -35.50 13.06 16.65
C THR A 84 -36.66 14.06 16.77
N GLY A 85 -37.08 14.58 15.63
CA GLY A 85 -37.96 15.73 15.56
C GLY A 85 -37.14 16.99 15.34
N VAL A 86 -35.86 16.93 15.71
CA VAL A 86 -34.97 18.06 15.58
C VAL A 86 -34.61 18.29 14.13
N PRO A 87 -34.77 19.53 13.65
CA PRO A 87 -34.40 19.86 12.27
C PRO A 87 -32.89 19.84 12.10
N GLU A 88 -32.46 19.64 10.85
CA GLU A 88 -31.04 19.70 10.49
C GLU A 88 -30.51 21.12 10.63
N LYS A 89 -31.42 22.07 10.88
CA LYS A 89 -31.04 23.42 11.24
C LYS A 89 -30.48 23.47 12.67
N GLU A 90 -31.23 22.89 13.61
CA GLU A 90 -30.81 22.83 15.01
C GLU A 90 -29.79 21.73 15.26
N ILE A 91 -29.74 20.76 14.35
CA ILE A 91 -28.73 19.70 14.46
C ILE A 91 -27.35 20.25 14.13
N GLU A 92 -27.22 20.87 12.96
CA GLU A 92 -25.99 21.58 12.58
C GLU A 92 -25.59 22.59 13.67
N ASN A 93 -26.60 23.06 14.41
CA ASN A 93 -26.40 23.85 15.61
C ASN A 93 -25.99 22.94 16.78
N SER A 94 -26.71 21.83 16.93
CA SER A 94 -26.47 20.86 18.00
C SER A 94 -25.09 20.25 17.93
N ILE A 95 -24.54 20.17 16.73
CA ILE A 95 -23.20 19.63 16.56
C ILE A 95 -22.16 20.74 16.51
N LYS A 96 -22.62 21.98 16.57
CA LYS A 96 -21.72 23.14 16.51
C LYS A 96 -21.00 23.42 17.84
N ASP A 97 -21.66 23.13 18.95
CA ASP A 97 -21.03 23.29 20.27
C ASP A 97 -19.99 22.19 20.51
N THR A 98 -20.43 20.95 20.32
CA THR A 98 -19.68 19.75 20.66
C THR A 98 -18.41 19.55 19.83
N GLY A 99 -18.55 19.68 18.52
CA GLY A 99 -17.44 19.43 17.61
C GLY A 99 -17.50 18.05 16.96
N ASP A 100 -18.24 17.13 17.58
CA ASP A 100 -18.37 15.76 17.10
C ASP A 100 -19.82 15.45 16.72
N LEU A 101 -19.99 15.02 15.48
CA LEU A 101 -21.28 14.60 14.95
C LEU A 101 -22.03 13.67 15.92
N GLY A 102 -21.51 12.47 16.10
CA GLY A 102 -22.16 11.47 16.93
C GLY A 102 -22.46 11.96 18.34
N GLU A 103 -21.67 12.93 18.80
CA GLU A 103 -21.87 13.53 20.12
C GLU A 103 -23.20 14.29 20.17
N SER A 104 -23.51 15.02 19.11
CA SER A 104 -24.79 15.73 19.03
C SER A 104 -25.92 14.74 18.81
N VAL A 105 -25.74 13.85 17.83
CA VAL A 105 -26.69 12.75 17.60
C VAL A 105 -26.99 12.03 18.92
N ALA A 106 -25.96 11.84 19.73
CA ALA A 106 -26.10 11.18 21.02
C ALA A 106 -27.23 11.78 21.82
N LEU A 107 -27.05 13.06 22.17
CA LEU A 107 -27.89 13.74 23.15
C LEU A 107 -29.29 14.10 22.65
N ALA A 108 -29.41 14.34 21.34
CA ALA A 108 -30.71 14.62 20.73
C ALA A 108 -31.70 13.48 20.96
N LEU A 109 -31.17 12.27 21.12
CA LEU A 109 -31.99 11.10 21.35
C LEU A 109 -32.60 11.15 22.75
N LYS A 110 -31.91 11.84 23.65
CA LYS A 110 -32.37 11.99 25.03
C LYS A 110 -33.62 12.86 25.13
N LYS A 111 -33.76 13.81 24.20
CA LYS A 111 -34.94 14.66 24.11
C LYS A 111 -36.08 13.92 23.42
N ARG A 112 -35.75 12.87 22.69
CA ARG A 112 -36.77 11.96 22.18
C ARG A 112 -36.99 10.86 23.22
N LYS A 113 -36.12 10.85 24.24
CA LYS A 113 -36.19 9.87 25.33
C LYS A 113 -37.14 10.33 26.43
N GLN A 114 -37.64 11.56 26.30
CA GLN A 114 -38.79 12.01 27.09
C GLN A 114 -40.06 11.86 26.25
N LYS A 115 -39.92 11.35 25.02
CA LYS A 115 -40.93 11.50 23.96
C LYS A 115 -41.55 10.29 23.25
N SER A 116 -40.75 9.59 22.43
CA SER A 116 -41.27 9.14 21.13
C SER A 116 -42.30 8.01 21.08
N PHE A 117 -41.88 6.77 21.29
CA PHE A 117 -42.72 5.64 20.86
C PHE A 117 -42.22 4.23 21.11
N PHE A 118 -43.11 3.30 20.80
CA PHE A 118 -42.80 1.97 20.28
C PHE A 118 -41.75 1.10 20.96
N SER A 119 -40.76 0.68 20.19
CA SER A 119 -40.33 -0.69 20.26
C SER A 119 -38.85 -1.05 20.37
N GLN A 120 -38.65 -2.11 21.14
CA GLN A 120 -37.53 -3.07 21.01
C GLN A 120 -36.13 -2.62 21.35
N PRO A 121 -35.31 -3.57 21.85
CA PRO A 121 -33.86 -3.41 21.98
C PRO A 121 -33.27 -3.30 20.60
N LEU A 122 -32.03 -2.82 20.51
CA LEU A 122 -31.26 -2.99 19.30
C LEU A 122 -30.25 -4.11 19.52
N THR A 123 -30.40 -5.19 18.75
CA THR A 123 -29.46 -6.31 18.80
C THR A 123 -28.58 -6.28 17.56
N ILE A 124 -27.36 -6.76 17.70
CA ILE A 124 -26.39 -6.71 16.62
C ILE A 124 -26.93 -7.32 15.32
N LYS A 125 -27.65 -8.44 15.46
CA LYS A 125 -28.28 -9.11 14.32
C LYS A 125 -29.08 -8.11 13.46
N ARG A 126 -29.96 -7.38 14.13
CA ARG A 126 -30.80 -6.37 13.50
C ARG A 126 -29.98 -5.29 12.79
N VAL A 127 -29.03 -4.70 13.52
CA VAL A 127 -28.19 -3.61 13.00
C VAL A 127 -27.39 -4.03 11.78
N TYR A 128 -26.82 -5.25 11.85
CA TYR A 128 -26.10 -5.78 10.72
C TYR A 128 -27.07 -5.85 9.53
N SER A 129 -28.19 -6.54 9.74
CA SER A 129 -29.24 -6.68 8.72
C SER A 129 -29.58 -5.35 8.03
N THR A 130 -29.82 -4.34 8.86
CA THR A 130 -30.16 -3.01 8.38
C THR A 130 -29.05 -2.42 7.55
N PHE A 131 -27.82 -2.67 7.97
CA PHE A 131 -26.66 -2.14 7.23
C PHE A 131 -26.55 -2.80 5.84
N VAL A 132 -26.75 -4.11 5.82
CA VAL A 132 -26.85 -4.89 4.58
C VAL A 132 -27.89 -4.26 3.65
N LYS A 133 -29.10 -4.09 4.15
CA LYS A 133 -30.18 -3.47 3.38
C LYS A 133 -29.81 -2.07 2.88
N VAL A 134 -29.17 -1.28 3.74
CA VAL A 134 -28.78 0.09 3.41
C VAL A 134 -27.75 0.15 2.28
N ALA A 135 -26.75 -0.70 2.35
CA ALA A 135 -25.68 -0.68 1.35
C ALA A 135 -26.15 -1.21 0.00
N GLU A 136 -26.90 -2.31 0.03
CA GLU A 136 -27.35 -3.01 -1.17
C GLU A 136 -28.41 -2.26 -1.96
N ALA A 137 -29.16 -1.41 -1.27
CA ALA A 137 -30.22 -0.63 -1.90
C ALA A 137 -29.66 0.30 -2.99
N SER A 138 -30.37 0.43 -4.11
CA SER A 138 -29.79 1.01 -5.32
C SER A 138 -30.73 1.93 -6.12
N GLY A 139 -30.27 2.35 -7.29
CA GLY A 139 -31.11 2.98 -8.31
C GLY A 139 -31.78 4.31 -8.03
N GLU A 140 -32.99 4.47 -8.57
CA GLU A 140 -33.81 5.69 -8.47
C GLU A 140 -34.39 5.92 -7.06
N GLY A 141 -34.85 4.84 -6.42
CA GLY A 141 -35.51 4.93 -5.13
C GLY A 141 -34.58 4.84 -3.94
N SER A 142 -33.33 5.24 -4.14
CA SER A 142 -32.25 4.84 -3.25
C SER A 142 -32.15 5.60 -1.93
N GLN A 143 -31.65 6.83 -2.00
CA GLN A 143 -31.16 7.51 -0.80
C GLN A 143 -32.20 7.74 0.29
N ASP A 144 -33.47 7.76 -0.09
CA ASP A 144 -34.55 7.92 0.88
C ASP A 144 -34.78 6.61 1.62
N ARG A 145 -34.74 5.52 0.86
CA ARG A 145 -34.94 4.20 1.41
C ARG A 145 -33.80 3.92 2.41
N LYS A 146 -32.64 4.51 2.16
CA LYS A 146 -31.55 4.51 3.13
C LYS A 146 -31.97 5.18 4.45
N MET A 147 -32.20 6.50 4.37
CA MET A 147 -32.64 7.32 5.51
C MET A 147 -33.93 6.79 6.17
N LYS A 148 -34.73 6.07 5.40
CA LYS A 148 -35.84 5.33 5.97
C LYS A 148 -35.27 4.36 6.98
N TYR A 149 -34.59 3.35 6.45
CA TYR A 149 -34.03 2.26 7.24
C TYR A 149 -33.23 2.76 8.43
N LEU A 150 -32.51 3.85 8.22
CA LEU A 150 -31.66 4.39 9.27
C LEU A 150 -32.48 4.96 10.41
N ALA A 151 -33.43 5.85 10.11
CA ALA A 151 -34.34 6.35 11.13
C ALA A 151 -35.11 5.17 11.74
N ASN A 152 -35.49 4.24 10.86
CA ASN A 152 -36.14 3.01 11.27
C ASN A 152 -35.34 2.32 12.37
N LEU A 153 -34.03 2.33 12.21
CA LEU A 153 -33.14 1.81 13.25
C LEU A 153 -33.25 2.69 14.47
N PHE A 154 -33.00 3.97 14.25
CA PHE A 154 -32.79 4.97 15.28
C PHE A 154 -33.87 5.05 16.38
N MET A 155 -35.13 4.82 16.02
CA MET A 155 -36.21 4.84 16.99
C MET A 155 -35.96 3.90 18.18
N ASP A 156 -35.39 2.74 17.90
CA ASP A 156 -35.19 1.72 18.92
C ASP A 156 -33.84 1.87 19.65
N ALA A 157 -33.15 2.99 19.40
CA ALA A 157 -31.78 3.19 19.87
C ALA A 157 -31.58 3.97 21.19
N GLN A 158 -30.83 3.39 22.13
CA GLN A 158 -30.28 4.15 23.27
C GLN A 158 -29.31 5.24 22.75
N PRO A 159 -29.22 6.39 23.45
CA PRO A 159 -28.44 7.50 22.89
C PRO A 159 -26.97 7.13 22.80
N GLU A 160 -26.57 6.17 23.63
CA GLU A 160 -25.25 5.55 23.57
C GLU A 160 -25.04 4.99 22.18
N GLU A 161 -25.80 3.92 21.93
CA GLU A 161 -25.85 3.17 20.70
C GLU A 161 -25.93 4.08 19.47
N GLY A 162 -26.73 5.14 19.59
CA GLY A 162 -26.89 6.08 18.52
C GLY A 162 -25.58 6.58 17.96
N LYS A 163 -24.75 7.10 18.86
CA LYS A 163 -23.46 7.71 18.53
C LYS A 163 -22.56 6.72 17.79
N TYR A 164 -22.50 5.51 18.34
CA TYR A 164 -21.69 4.45 17.78
C TYR A 164 -22.20 4.01 16.40
N ILE A 165 -23.46 3.62 16.29
CA ILE A 165 -24.07 3.29 14.99
C ILE A 165 -23.83 4.40 13.97
N ALA A 166 -23.75 5.64 14.45
CA ALA A 166 -23.57 6.82 13.62
C ALA A 166 -22.15 6.98 13.05
N ARG A 167 -21.14 6.85 13.93
CA ARG A 167 -19.75 6.90 13.50
C ARG A 167 -19.37 5.65 12.71
N THR A 168 -20.00 4.52 13.03
CA THR A 168 -19.86 3.36 12.14
C THR A 168 -20.34 3.77 10.76
N VAL A 169 -21.59 4.18 10.63
CA VAL A 169 -22.10 4.58 9.33
C VAL A 169 -21.15 5.55 8.61
N LEU A 170 -20.66 6.56 9.31
CA LEU A 170 -19.83 7.55 8.61
C LEU A 170 -18.38 7.10 8.45
N GLY A 171 -18.00 6.01 9.13
CA GLY A 171 -16.64 5.51 9.06
C GLY A 171 -15.72 6.24 10.01
N THR A 172 -16.35 6.99 10.90
CA THR A 172 -15.71 7.92 11.81
C THR A 172 -15.38 7.33 13.21
N MET A 173 -15.46 5.99 13.33
CA MET A 173 -15.55 5.30 14.63
C MET A 173 -14.60 5.66 15.80
N ARG A 174 -13.28 5.67 15.55
CA ARG A 174 -12.27 5.92 16.61
C ARG A 174 -12.25 4.91 17.78
N THR A 175 -12.40 3.62 17.46
CA THR A 175 -12.38 2.55 18.47
C THR A 175 -11.05 2.55 19.21
N GLY A 176 -9.98 2.83 18.47
CA GLY A 176 -8.64 2.66 18.96
C GLY A 176 -8.10 1.28 18.61
N VAL A 177 -8.94 0.47 17.97
CA VAL A 177 -8.57 -0.90 17.65
C VAL A 177 -8.31 -1.14 16.17
N ALA A 178 -7.05 -1.38 15.82
CA ALA A 178 -6.62 -1.67 14.45
C ALA A 178 -6.68 -3.16 14.15
N GLU A 179 -6.09 -3.54 13.02
CA GLU A 179 -5.90 -4.95 12.65
C GLU A 179 -5.19 -5.76 13.75
N GLY A 180 -3.99 -5.30 14.13
CA GLY A 180 -3.14 -6.07 15.03
C GLY A 180 -3.68 -6.31 16.43
N ILE A 181 -4.42 -5.35 16.96
CA ILE A 181 -5.11 -5.60 18.20
C ILE A 181 -6.11 -6.70 17.95
N LEU A 182 -6.95 -6.56 16.95
CA LEU A 182 -7.91 -7.61 16.69
C LEU A 182 -7.26 -9.01 16.47
N ARG A 183 -6.18 -9.06 15.70
CA ARG A 183 -5.46 -10.30 15.54
C ARG A 183 -5.08 -10.85 16.95
N ASP A 184 -4.33 -10.04 17.72
CA ASP A 184 -3.90 -10.46 19.05
C ASP A 184 -5.07 -10.92 19.93
N ALA A 185 -6.17 -10.17 19.87
CA ALA A 185 -7.41 -10.46 20.55
C ALA A 185 -7.93 -11.85 20.25
N ILE A 186 -8.05 -12.15 18.96
CA ILE A 186 -8.58 -13.45 18.51
C ILE A 186 -7.71 -14.55 19.08
N ALA A 187 -6.40 -14.33 19.00
CA ALA A 187 -5.44 -15.25 19.57
C ALA A 187 -5.69 -15.47 21.08
N GLU A 188 -5.82 -14.39 21.82
CA GLU A 188 -6.04 -14.44 23.28
C GLU A 188 -7.34 -15.15 23.64
N ALA A 189 -8.41 -14.75 22.96
CA ALA A 189 -9.74 -15.21 23.27
C ALA A 189 -9.77 -16.70 23.13
N PHE A 190 -9.43 -17.18 21.94
CA PHE A 190 -9.68 -18.58 21.62
C PHE A 190 -8.47 -19.46 21.92
N ARG A 191 -7.44 -18.88 22.51
CA ARG A 191 -6.23 -19.63 22.89
C ARG A 191 -5.56 -20.34 21.70
N VAL A 192 -5.69 -19.74 20.52
CA VAL A 192 -5.04 -20.22 19.30
C VAL A 192 -3.70 -19.51 19.10
N LYS A 193 -2.95 -19.92 18.07
CA LYS A 193 -1.57 -19.46 17.90
C LYS A 193 -1.47 -18.22 17.00
N PRO A 194 -0.90 -17.13 17.56
CA PRO A 194 -0.74 -15.86 16.84
C PRO A 194 -0.16 -16.03 15.45
N GLU A 195 0.86 -16.88 15.29
CA GLU A 195 1.40 -17.17 13.97
C GLU A 195 0.33 -17.74 13.04
N LEU A 196 -0.54 -18.60 13.58
CA LEU A 196 -1.62 -19.25 12.79
C LEU A 196 -2.74 -18.30 12.38
N VAL A 197 -3.00 -17.34 13.26
CA VAL A 197 -3.99 -16.32 12.98
C VAL A 197 -3.40 -15.45 11.89
N GLU A 198 -2.14 -15.07 12.06
CA GLU A 198 -1.48 -14.24 11.06
C GLU A 198 -1.54 -14.92 9.69
N ARG A 199 -1.10 -16.17 9.64
CA ARG A 199 -1.14 -16.96 8.41
C ARG A 199 -2.54 -16.91 7.81
N ALA A 200 -3.54 -17.22 8.64
CA ALA A 200 -4.90 -17.34 8.16
C ALA A 200 -5.51 -16.03 7.63
N TYR A 201 -5.10 -14.89 8.20
CA TYR A 201 -5.61 -13.59 7.75
C TYR A 201 -4.83 -13.13 6.53
N MET A 202 -3.59 -13.62 6.44
CA MET A 202 -2.75 -13.38 5.27
C MET A 202 -3.33 -14.07 4.01
N LEU A 203 -3.85 -15.27 4.18
CA LEU A 203 -4.55 -15.94 3.06
C LEU A 203 -5.90 -15.32 2.70
N THR A 204 -6.75 -15.16 3.70
CA THR A 204 -8.16 -14.84 3.51
C THR A 204 -8.43 -13.36 3.43
N SER A 205 -8.05 -12.66 4.50
CA SER A 205 -8.40 -11.26 4.71
C SER A 205 -9.80 -11.10 5.29
N ASP A 206 -10.50 -12.21 5.49
CA ASP A 206 -11.76 -12.12 6.21
C ASP A 206 -11.54 -12.33 7.71
N PHE A 207 -11.75 -11.30 8.52
CA PHE A 207 -11.63 -11.50 9.97
C PHE A 207 -12.72 -12.40 10.53
N GLY A 208 -13.94 -12.29 10.03
CA GLY A 208 -15.04 -13.10 10.54
C GLY A 208 -14.79 -14.58 10.38
N TYR A 209 -14.39 -14.96 9.17
CA TYR A 209 -14.05 -16.34 8.88
C TYR A 209 -12.97 -16.84 9.85
N VAL A 210 -11.94 -16.03 10.03
CA VAL A 210 -10.85 -16.35 10.93
C VAL A 210 -11.32 -16.49 12.37
N ALA A 211 -12.21 -15.60 12.78
CA ALA A 211 -12.74 -15.63 14.14
C ALA A 211 -13.45 -16.96 14.39
N LYS A 212 -14.47 -17.25 13.56
CA LYS A 212 -15.24 -18.47 13.72
C LYS A 212 -14.33 -19.70 13.68
N VAL A 213 -13.41 -19.74 12.72
CA VAL A 213 -12.54 -20.90 12.63
C VAL A 213 -11.67 -21.06 13.88
N ALA A 214 -11.19 -19.96 14.42
CA ALA A 214 -10.44 -20.03 15.68
C ALA A 214 -11.31 -20.65 16.78
N LYS A 215 -12.52 -20.10 16.93
CA LYS A 215 -13.43 -20.49 18.02
C LYS A 215 -13.83 -21.94 17.98
N LEU A 216 -14.26 -22.39 16.80
CA LEU A 216 -14.63 -23.79 16.65
C LEU A 216 -13.40 -24.65 16.39
N GLU A 217 -12.88 -24.55 15.17
CA GLU A 217 -11.94 -25.55 14.69
C GLU A 217 -10.51 -25.30 15.18
N GLY A 218 -10.33 -24.25 15.99
CA GLY A 218 -9.12 -24.13 16.78
C GLY A 218 -7.83 -24.19 16.01
N ASN A 219 -6.74 -24.34 16.75
CA ASN A 219 -5.38 -24.30 16.18
C ASN A 219 -5.23 -25.21 14.96
N GLU A 220 -5.87 -26.37 14.97
CA GLU A 220 -5.74 -27.35 13.88
C GLU A 220 -6.33 -26.80 12.59
N GLY A 221 -7.59 -26.42 12.64
CA GLY A 221 -8.29 -25.89 11.47
C GLY A 221 -7.68 -24.60 10.95
N LEU A 222 -7.13 -23.76 11.84
CA LEU A 222 -6.41 -22.58 11.36
C LEU A 222 -5.26 -22.97 10.44
N SER A 223 -4.57 -24.06 10.80
CA SER A 223 -3.44 -24.57 10.05
C SER A 223 -3.94 -25.21 8.76
N LYS A 224 -5.18 -25.66 8.83
CA LYS A 224 -5.87 -26.29 7.72
C LYS A 224 -6.59 -25.24 6.87
N VAL A 225 -6.39 -23.96 7.16
CA VAL A 225 -6.96 -22.90 6.33
C VAL A 225 -6.12 -22.69 5.07
N SER A 226 -6.76 -22.85 3.92
CA SER A 226 -6.13 -22.62 2.62
C SER A 226 -7.00 -21.62 1.88
N ILE A 227 -6.70 -21.41 0.60
CA ILE A 227 -7.25 -20.24 -0.08
C ILE A 227 -8.70 -20.38 -0.48
N GLN A 228 -9.54 -19.52 0.06
CA GLN A 228 -10.87 -19.42 -0.48
C GLN A 228 -10.82 -18.54 -1.74
N ILE A 229 -11.38 -19.03 -2.83
CA ILE A 229 -11.45 -18.28 -4.08
C ILE A 229 -12.46 -17.14 -3.97
N GLY A 230 -12.00 -15.93 -4.26
CA GLY A 230 -12.78 -14.72 -4.07
C GLY A 230 -12.36 -13.95 -2.84
N LYS A 231 -11.80 -14.69 -1.88
CA LYS A 231 -11.15 -14.12 -0.71
C LYS A 231 -9.68 -13.87 -1.05
N PRO A 232 -9.29 -12.58 -1.14
CA PRO A 232 -8.02 -12.03 -1.62
C PRO A 232 -6.84 -12.31 -0.70
N ILE A 233 -5.69 -12.57 -1.30
CA ILE A 233 -4.47 -12.92 -0.57
C ILE A 233 -3.56 -11.70 -0.40
N ARG A 234 -3.04 -11.49 0.82
CA ARG A 234 -1.97 -10.52 1.01
C ARG A 234 -0.86 -10.82 0.02
N PRO A 235 -0.58 -9.85 -0.87
CA PRO A 235 0.52 -10.03 -1.82
C PRO A 235 1.82 -10.35 -1.09
N MET A 236 2.67 -11.21 -1.65
CA MET A 236 4.01 -11.45 -1.13
C MET A 236 4.92 -10.25 -1.48
N LEU A 237 5.77 -9.84 -0.54
CA LEU A 237 6.61 -8.65 -0.73
C LEU A 237 8.13 -8.88 -0.81
N ALA A 238 8.83 -7.89 -1.39
CA ALA A 238 10.28 -7.97 -1.60
C ALA A 238 11.06 -6.79 -0.97
N GLN A 239 12.18 -7.12 -0.32
CA GLN A 239 13.15 -6.11 0.10
C GLN A 239 13.93 -5.64 -1.10
N ASN A 240 14.53 -4.46 -1.01
CA ASN A 240 15.40 -3.99 -2.08
C ASN A 240 16.76 -4.68 -2.06
N ALA A 241 17.38 -4.81 -3.23
CA ALA A 241 18.80 -5.09 -3.25
C ALA A 241 19.53 -3.81 -3.60
N ALA A 242 20.86 -3.83 -3.52
CA ALA A 242 21.65 -2.72 -4.02
C ALA A 242 21.88 -2.89 -5.51
N SER A 243 21.92 -4.15 -5.95
CA SER A 243 22.54 -4.49 -7.21
C SER A 243 22.36 -5.96 -7.55
N VAL A 244 22.59 -6.26 -8.81
CA VAL A 244 22.28 -7.55 -9.39
C VAL A 244 23.16 -8.66 -8.81
N LYS A 245 24.46 -8.39 -8.66
CA LYS A 245 25.39 -9.37 -8.06
C LYS A 245 25.04 -9.66 -6.61
N GLU A 246 24.75 -8.59 -5.87
CA GLU A 246 24.31 -8.69 -4.47
C GLU A 246 23.20 -9.70 -4.41
N ALA A 247 22.20 -9.48 -5.27
CA ALA A 247 21.01 -10.31 -5.31
C ALA A 247 21.30 -11.77 -5.73
N LEU A 248 22.02 -11.96 -6.83
CA LEU A 248 22.29 -13.31 -7.34
C LEU A 248 23.04 -14.15 -6.29
N ILE A 249 23.97 -13.50 -5.59
CA ILE A 249 24.73 -14.20 -4.55
C ILE A 249 23.96 -14.37 -3.23
N GLU A 250 23.01 -13.49 -2.97
CA GLU A 250 22.14 -13.61 -1.80
C GLU A 250 21.16 -14.77 -1.99
N MET A 251 20.84 -15.06 -3.24
CA MET A 251 20.02 -16.21 -3.57
C MET A 251 20.93 -17.39 -3.87
N GLY A 252 22.24 -17.19 -3.67
CA GLY A 252 23.21 -18.27 -3.75
C GLY A 252 23.62 -18.72 -5.14
N GLY A 253 23.84 -17.73 -6.01
CA GLY A 253 24.47 -17.95 -7.31
C GLY A 253 23.56 -18.24 -8.49
N GLU A 254 22.37 -18.76 -8.22
CA GLU A 254 21.38 -18.94 -9.27
C GLU A 254 20.07 -18.32 -8.80
N ALA A 255 19.36 -17.69 -9.72
CA ALA A 255 18.06 -17.09 -9.41
C ALA A 255 17.21 -16.83 -10.65
N ALA A 256 15.90 -16.70 -10.43
CA ALA A 256 14.97 -16.29 -11.48
C ALA A 256 14.83 -14.77 -11.49
N PHE A 257 14.91 -14.17 -12.67
CA PHE A 257 14.86 -12.72 -12.79
C PHE A 257 13.73 -12.25 -13.68
N GLU A 258 13.07 -11.17 -13.26
CA GLU A 258 11.95 -10.65 -14.00
C GLU A 258 12.02 -9.15 -14.01
N ILE A 259 11.13 -8.53 -14.76
CA ILE A 259 11.03 -7.09 -14.77
C ILE A 259 10.24 -6.65 -13.57
N LYS A 260 10.62 -5.53 -12.97
CA LYS A 260 9.75 -4.83 -12.04
C LYS A 260 9.17 -3.70 -12.86
N TYR A 261 7.91 -3.88 -13.25
CA TYR A 261 7.25 -2.98 -14.18
C TYR A 261 6.89 -1.69 -13.50
N ASP A 262 6.72 -0.67 -14.32
CA ASP A 262 5.99 0.50 -13.86
C ASP A 262 4.57 0.17 -14.26
N GLY A 263 3.80 -0.27 -13.27
CA GLY A 263 2.51 -0.89 -13.53
C GLY A 263 1.83 -1.05 -12.19
N ALA A 264 0.64 -1.64 -12.18
CA ALA A 264 -0.07 -1.80 -10.93
C ALA A 264 -0.28 -3.25 -10.61
N ARG A 265 0.26 -3.69 -9.46
CA ARG A 265 0.11 -5.07 -9.06
C ARG A 265 -1.36 -5.40 -8.91
N VAL A 266 -1.84 -6.41 -9.63
CA VAL A 266 -3.20 -6.89 -9.36
C VAL A 266 -3.24 -8.39 -9.14
N GLN A 267 -4.39 -8.82 -8.64
CA GLN A 267 -4.65 -10.20 -8.31
C GLN A 267 -5.99 -10.60 -8.96
N VAL A 268 -5.98 -11.65 -9.76
CA VAL A 268 -7.14 -12.04 -10.56
C VAL A 268 -7.75 -13.37 -10.10
N HIS A 269 -9.03 -13.37 -9.79
CA HIS A 269 -9.70 -14.60 -9.35
C HIS A 269 -10.71 -15.10 -10.39
N ARG A 270 -10.41 -16.24 -11.03
CA ARG A 270 -11.35 -16.81 -11.99
C ARG A 270 -11.99 -18.08 -11.44
N ASP A 271 -13.32 -18.03 -11.28
CA ASP A 271 -14.15 -19.21 -11.08
C ASP A 271 -15.28 -19.18 -12.09
N GLY A 272 -15.27 -20.13 -13.02
CA GLY A 272 -16.29 -20.18 -14.05
C GLY A 272 -16.27 -18.90 -14.83
N ASP A 273 -17.40 -18.21 -14.89
CA ASP A 273 -17.49 -16.89 -15.54
C ASP A 273 -17.43 -15.75 -14.54
N ARG A 274 -17.38 -16.11 -13.26
CA ARG A 274 -17.26 -15.14 -12.19
C ARG A 274 -15.79 -14.79 -12.07
N VAL A 275 -15.47 -13.53 -12.33
CA VAL A 275 -14.09 -13.07 -12.36
C VAL A 275 -13.98 -11.77 -11.58
N ILE A 276 -13.10 -11.79 -10.58
CA ILE A 276 -12.86 -10.64 -9.72
C ILE A 276 -11.42 -10.27 -9.79
N ILE A 277 -11.15 -8.97 -9.85
CA ILE A 277 -9.79 -8.47 -9.86
C ILE A 277 -9.48 -7.54 -8.68
N TYR A 278 -8.62 -7.99 -7.77
CA TYR A 278 -8.26 -7.15 -6.63
C TYR A 278 -7.02 -6.31 -6.94
N SER A 279 -7.00 -5.13 -6.35
CA SER A 279 -5.89 -4.18 -6.45
C SER A 279 -4.78 -4.50 -5.44
N ARG A 280 -3.68 -3.75 -5.51
CA ARG A 280 -2.56 -3.90 -4.56
C ARG A 280 -3.06 -3.71 -3.12
N ARG A 281 -3.89 -2.69 -2.92
CA ARG A 281 -4.42 -2.34 -1.61
C ARG A 281 -5.69 -3.14 -1.36
N LEU A 282 -5.98 -4.07 -2.28
CA LEU A 282 -7.17 -4.92 -2.22
C LEU A 282 -8.48 -4.15 -2.41
N GLU A 283 -8.45 -3.06 -3.16
CA GLU A 283 -9.70 -2.53 -3.68
C GLU A 283 -10.23 -3.53 -4.73
N ASN A 284 -11.55 -3.69 -4.83
CA ASN A 284 -12.09 -4.52 -5.89
C ASN A 284 -12.23 -3.56 -7.05
N VAL A 285 -11.37 -3.75 -8.05
CA VAL A 285 -11.33 -2.88 -9.23
C VAL A 285 -12.06 -3.46 -10.42
N THR A 286 -12.68 -4.64 -10.24
CA THR A 286 -13.16 -5.45 -11.38
C THR A 286 -14.02 -4.68 -12.35
N ARG A 287 -14.93 -3.88 -11.80
CA ARG A 287 -15.80 -3.06 -12.65
C ARG A 287 -15.01 -2.09 -13.49
N SER A 288 -13.95 -1.50 -12.95
CA SER A 288 -13.18 -0.48 -13.65
C SER A 288 -12.66 -0.90 -15.04
N ILE A 289 -12.36 -2.20 -15.20
CA ILE A 289 -11.54 -2.67 -16.31
C ILE A 289 -12.07 -3.94 -17.03
N PRO A 290 -13.30 -3.86 -17.54
CA PRO A 290 -14.08 -5.00 -18.02
C PRO A 290 -13.41 -5.73 -19.19
N GLU A 291 -12.80 -4.95 -20.07
CA GLU A 291 -12.04 -5.45 -21.21
C GLU A 291 -11.06 -6.49 -20.71
N ILE A 292 -10.27 -6.06 -19.73
CA ILE A 292 -9.27 -6.90 -19.11
C ILE A 292 -9.94 -8.14 -18.58
N VAL A 293 -11.07 -7.96 -17.89
CA VAL A 293 -11.84 -9.13 -17.45
C VAL A 293 -12.15 -10.09 -18.63
N GLU A 294 -12.76 -9.59 -19.71
CA GLU A 294 -13.03 -10.46 -20.86
C GLU A 294 -11.70 -11.10 -21.25
N ALA A 295 -10.71 -10.25 -21.45
CA ALA A 295 -9.44 -10.69 -21.98
C ALA A 295 -8.96 -11.92 -21.18
N VAL A 296 -9.05 -11.81 -19.86
CA VAL A 296 -8.52 -12.81 -18.94
C VAL A 296 -9.25 -14.15 -19.03
N LYS A 297 -10.59 -14.05 -19.08
CA LYS A 297 -11.46 -15.21 -19.22
C LYS A 297 -10.97 -15.96 -20.43
N ALA A 298 -10.66 -15.21 -21.48
CA ALA A 298 -10.26 -15.82 -22.72
C ALA A 298 -8.88 -16.42 -22.59
N SER A 299 -7.99 -15.71 -21.89
CA SER A 299 -6.59 -16.06 -21.89
C SER A 299 -6.30 -17.18 -20.90
N LEU A 300 -7.27 -17.47 -20.06
CA LEU A 300 -7.00 -18.45 -19.02
C LEU A 300 -7.61 -19.81 -19.32
N LYS A 301 -6.74 -20.83 -19.38
CA LYS A 301 -7.18 -22.19 -19.68
C LYS A 301 -8.04 -22.83 -18.59
N PRO A 302 -7.50 -22.97 -17.36
CA PRO A 302 -8.32 -23.58 -16.29
C PRO A 302 -9.55 -22.78 -15.89
N SER A 303 -10.57 -23.49 -15.40
CA SER A 303 -11.82 -22.88 -14.97
C SER A 303 -11.71 -22.26 -13.57
N LYS A 304 -10.94 -22.89 -12.69
CA LYS A 304 -10.64 -22.29 -11.39
C LYS A 304 -9.16 -21.90 -11.23
N VAL A 305 -8.90 -20.59 -11.28
CA VAL A 305 -7.55 -20.04 -11.11
C VAL A 305 -7.51 -18.76 -10.30
N ILE A 306 -6.37 -18.51 -9.70
CA ILE A 306 -6.01 -17.20 -9.20
C ILE A 306 -4.64 -16.80 -9.78
N VAL A 307 -4.56 -15.67 -10.46
CA VAL A 307 -3.22 -15.29 -10.92
C VAL A 307 -2.82 -13.88 -10.51
N GLU A 308 -1.52 -13.72 -10.25
CA GLU A 308 -0.95 -12.42 -9.94
C GLU A 308 -0.29 -11.81 -11.17
N GLY A 309 -0.46 -10.49 -11.31
CA GLY A 309 0.00 -9.80 -12.49
C GLY A 309 0.12 -8.29 -12.29
N GLU A 310 0.98 -7.66 -13.11
CA GLU A 310 1.16 -6.22 -13.08
C GLU A 310 0.46 -5.64 -14.31
N LEU A 311 -0.54 -4.80 -14.05
CA LEU A 311 -1.32 -4.18 -15.09
C LEU A 311 -0.68 -2.88 -15.50
N VAL A 312 -0.42 -2.72 -16.79
CA VAL A 312 0.30 -1.54 -17.22
C VAL A 312 -0.45 -0.72 -18.26
N ALA A 313 -0.20 0.59 -18.25
CA ALA A 313 -0.80 1.50 -19.21
C ALA A 313 0.18 1.68 -20.33
N VAL A 314 -0.16 1.18 -21.50
CA VAL A 314 0.65 1.41 -22.69
C VAL A 314 0.38 2.81 -23.23
N GLY A 315 1.31 3.35 -23.99
CA GLY A 315 1.08 4.63 -24.65
C GLY A 315 1.70 4.54 -26.02
N GLU A 316 1.39 5.53 -26.87
CA GLU A 316 1.40 5.33 -28.31
C GLU A 316 2.70 4.79 -28.91
N ASN A 317 3.83 5.01 -28.25
CA ASN A 317 5.10 4.49 -28.74
C ASN A 317 5.32 3.08 -28.20
N GLY A 318 4.31 2.56 -27.50
CA GLY A 318 4.38 1.24 -26.91
C GLY A 318 5.13 1.21 -25.57
N ARG A 319 5.68 2.36 -25.18
CA ARG A 319 6.37 2.49 -23.89
C ARG A 319 5.36 2.71 -22.77
N PRO A 320 5.59 2.06 -21.61
CA PRO A 320 4.61 2.13 -20.50
C PRO A 320 4.41 3.55 -19.98
N ARG A 321 3.16 3.95 -19.78
CA ARG A 321 2.82 5.18 -19.10
C ARG A 321 3.08 4.99 -17.59
N PRO A 322 3.45 6.07 -16.89
CA PRO A 322 3.52 6.02 -15.43
C PRO A 322 2.26 5.36 -14.89
N PHE A 323 2.42 4.55 -13.83
CA PHE A 323 1.35 3.62 -13.53
C PHE A 323 0.12 4.26 -12.93
N GLN A 324 0.24 5.50 -12.48
CA GLN A 324 -0.92 6.16 -11.86
C GLN A 324 -2.03 6.31 -12.86
N TYR A 325 -1.71 6.14 -14.15
CA TYR A 325 -2.76 6.03 -15.14
C TYR A 325 -3.67 4.80 -14.85
N VAL A 326 -3.04 3.67 -14.52
CA VAL A 326 -3.76 2.50 -14.06
C VAL A 326 -4.62 2.84 -12.84
N LEU A 327 -4.12 3.74 -12.01
CA LEU A 327 -4.82 4.13 -10.81
C LEU A 327 -6.04 4.97 -11.06
N ARG A 328 -5.98 5.82 -12.08
CA ARG A 328 -7.15 6.58 -12.50
C ARG A 328 -8.16 5.66 -13.18
N ARG A 329 -7.66 4.74 -14.01
CA ARG A 329 -8.53 3.76 -14.65
C ARG A 329 -9.32 3.05 -13.57
N PHE A 330 -8.67 2.71 -12.46
CA PHE A 330 -9.41 2.13 -11.33
C PHE A 330 -10.48 3.07 -10.77
N ARG A 331 -10.16 4.37 -10.77
CA ARG A 331 -10.95 5.38 -10.08
C ARG A 331 -12.18 5.81 -10.88
N ARG A 332 -12.29 5.40 -12.13
CA ARG A 332 -13.57 5.60 -12.82
C ARG A 332 -14.72 4.82 -12.18
N LYS A 333 -15.75 5.55 -11.78
CA LYS A 333 -17.03 4.96 -11.37
C LYS A 333 -18.04 5.01 -12.51
N TYR A 334 -17.66 5.64 -13.63
CA TYR A 334 -18.60 6.21 -14.60
C TYR A 334 -18.23 6.04 -16.08
N ASN A 335 -18.83 6.90 -16.91
CA ASN A 335 -18.86 6.77 -18.36
C ASN A 335 -17.49 6.40 -18.88
N ILE A 336 -17.48 5.34 -19.68
CA ILE A 336 -16.54 4.27 -19.41
C ILE A 336 -15.64 3.78 -20.55
N ASP A 337 -16.25 3.24 -21.61
CA ASP A 337 -15.50 2.78 -22.76
C ASP A 337 -14.73 3.95 -23.40
N GLU A 338 -15.07 5.17 -23.01
CA GLU A 338 -14.20 6.33 -23.19
C GLU A 338 -12.81 6.06 -22.62
N MET A 339 -12.75 5.64 -21.37
CA MET A 339 -11.48 5.39 -20.72
C MET A 339 -10.67 4.21 -21.35
N ILE A 340 -11.36 3.19 -21.86
CA ILE A 340 -10.67 2.09 -22.53
C ILE A 340 -9.89 2.54 -23.79
N GLU A 341 -10.47 3.47 -24.54
CA GLU A 341 -9.82 4.01 -25.73
C GLU A 341 -8.76 5.01 -25.32
N LYS A 342 -9.06 5.78 -24.25
CA LYS A 342 -8.12 6.79 -23.76
C LYS A 342 -6.82 6.16 -23.24
N ILE A 343 -6.94 5.31 -22.25
CA ILE A 343 -5.79 4.52 -21.84
C ILE A 343 -5.97 3.01 -22.03
N PRO A 344 -5.34 2.47 -23.08
CA PRO A 344 -5.12 1.04 -23.23
C PRO A 344 -4.32 0.49 -22.05
N LEU A 345 -4.64 -0.73 -21.66
CA LEU A 345 -3.84 -1.44 -20.66
C LEU A 345 -3.42 -2.78 -21.18
N GLU A 346 -2.46 -3.39 -20.50
CA GLU A 346 -2.09 -4.78 -20.74
C GLU A 346 -1.62 -5.46 -19.43
N LEU A 347 -1.78 -6.77 -19.38
CA LEU A 347 -1.56 -7.50 -18.14
C LEU A 347 -0.45 -8.56 -18.27
N ASN A 348 0.62 -8.36 -17.52
CA ASN A 348 1.74 -9.29 -17.52
C ASN A 348 1.71 -10.12 -16.24
N LEU A 349 1.40 -11.40 -16.37
CA LEU A 349 1.23 -12.24 -15.19
C LEU A 349 2.55 -12.85 -14.71
N PHE A 350 2.88 -12.61 -13.45
CA PHE A 350 4.06 -13.22 -12.88
C PHE A 350 3.83 -14.35 -11.90
N ASP A 351 2.59 -14.62 -11.54
CA ASP A 351 2.37 -15.67 -10.56
C ASP A 351 1.00 -16.30 -10.60
N ILE A 352 0.93 -17.54 -10.13
CA ILE A 352 -0.33 -18.24 -10.08
C ILE A 352 -0.43 -18.93 -8.75
N LEU A 353 -1.35 -18.51 -7.90
CA LEU A 353 -1.40 -19.11 -6.58
C LEU A 353 -2.38 -20.27 -6.49
N TYR A 354 -3.27 -20.38 -7.48
CA TYR A 354 -4.33 -21.37 -7.38
C TYR A 354 -4.81 -21.96 -8.71
N VAL A 355 -4.93 -23.30 -8.76
CA VAL A 355 -5.63 -23.99 -9.87
C VAL A 355 -6.55 -25.15 -9.45
N ASP A 356 -7.85 -24.98 -9.66
CA ASP A 356 -8.80 -26.10 -9.65
C ASP A 356 -8.80 -26.93 -8.37
N GLY A 357 -8.63 -26.28 -7.23
CA GLY A 357 -8.63 -26.97 -5.96
C GLY A 357 -7.23 -27.15 -5.43
N GLU A 358 -6.24 -27.09 -6.32
CA GLU A 358 -4.86 -27.17 -5.90
C GLU A 358 -4.39 -25.80 -5.41
N SER A 359 -4.04 -25.70 -4.13
CA SER A 359 -3.38 -24.52 -3.60
C SER A 359 -1.89 -24.63 -3.93
N LEU A 360 -1.38 -23.65 -4.67
CA LEU A 360 0.03 -23.65 -5.05
C LEU A 360 0.89 -22.75 -4.17
N ILE A 361 0.29 -22.09 -3.18
CA ILE A 361 1.08 -21.19 -2.33
C ILE A 361 2.26 -21.92 -1.67
N ASP A 362 2.04 -23.20 -1.36
CA ASP A 362 3.02 -24.05 -0.66
C ASP A 362 3.97 -24.80 -1.60
N THR A 363 3.83 -24.48 -2.89
CA THR A 363 4.52 -25.13 -4.01
C THR A 363 5.68 -24.24 -4.39
N GLU A 364 6.85 -24.83 -4.67
CA GLU A 364 8.06 -24.00 -4.91
C GLU A 364 7.94 -23.23 -6.21
N PHE A 365 8.67 -22.13 -6.29
CA PHE A 365 8.49 -21.16 -7.35
C PHE A 365 8.51 -21.70 -8.78
N VAL A 366 9.46 -22.58 -9.09
CA VAL A 366 9.69 -23.04 -10.47
C VAL A 366 8.48 -23.76 -11.06
N GLU A 367 7.88 -24.64 -10.27
CA GLU A 367 6.68 -25.34 -10.68
C GLU A 367 5.54 -24.34 -10.77
N ARG A 368 5.60 -23.31 -9.93
CA ARG A 368 4.58 -22.29 -10.01
C ARG A 368 4.66 -21.63 -11.39
N ARG A 369 5.86 -21.20 -11.77
CA ARG A 369 6.07 -20.67 -13.11
C ARG A 369 5.64 -21.67 -14.18
N LYS A 370 5.90 -22.95 -13.97
CA LYS A 370 5.50 -24.00 -14.91
C LYS A 370 3.98 -23.98 -15.10
N ARG A 371 3.26 -23.97 -13.99
CA ARG A 371 1.80 -23.93 -14.00
C ARG A 371 1.31 -22.66 -14.71
N LEU A 372 2.04 -21.56 -14.50
CA LEU A 372 1.66 -20.28 -15.09
C LEU A 372 1.75 -20.33 -16.60
N GLU A 373 2.89 -20.82 -17.08
CA GLU A 373 3.08 -20.97 -18.51
C GLU A 373 2.01 -21.92 -19.09
N GLU A 374 1.67 -22.94 -18.34
CA GLU A 374 0.65 -23.90 -18.74
C GLU A 374 -0.78 -23.36 -18.83
N SER A 375 -1.17 -22.47 -17.92
CA SER A 375 -2.57 -22.07 -17.81
C SER A 375 -2.88 -20.88 -18.66
N VAL A 376 -1.85 -20.27 -19.17
CA VAL A 376 -2.04 -19.04 -19.89
C VAL A 376 -1.93 -19.25 -21.40
N GLU A 377 -2.94 -18.74 -22.09
CA GLU A 377 -2.87 -18.62 -23.54
C GLU A 377 -2.75 -17.12 -23.87
N GLU A 378 -1.53 -16.73 -24.26
CA GLU A 378 -1.21 -15.33 -24.48
C GLU A 378 -2.04 -14.73 -25.60
N SER A 379 -2.45 -13.48 -25.35
CA SER A 379 -3.41 -12.72 -26.12
C SER A 379 -2.83 -11.33 -26.29
N GLU A 380 -3.58 -10.43 -26.92
CA GLU A 380 -3.14 -9.04 -27.07
C GLU A 380 -3.03 -8.35 -25.71
N LYS A 381 -4.10 -8.44 -24.92
CA LYS A 381 -4.15 -7.82 -23.61
C LYS A 381 -3.43 -8.62 -22.50
N ILE A 382 -3.19 -9.92 -22.72
CA ILE A 382 -2.73 -10.77 -21.62
C ILE A 382 -1.44 -11.53 -21.90
N LYS A 383 -0.38 -11.12 -21.21
CA LYS A 383 0.93 -11.68 -21.39
C LYS A 383 1.43 -12.33 -20.10
N ILE A 384 2.34 -13.28 -20.27
CA ILE A 384 3.11 -13.87 -19.17
C ILE A 384 4.40 -13.07 -19.08
N ALA A 385 4.68 -12.53 -17.89
CA ALA A 385 5.90 -11.76 -17.65
C ALA A 385 7.13 -12.57 -18.11
N GLU A 386 8.03 -11.91 -18.82
CA GLU A 386 9.26 -12.57 -19.30
C GLU A 386 10.21 -12.90 -18.14
N GLN A 387 10.81 -14.08 -18.17
CA GLN A 387 11.63 -14.54 -17.06
C GLN A 387 13.03 -15.00 -17.49
N LEU A 388 14.07 -14.55 -16.78
CA LEU A 388 15.43 -15.03 -16.99
C LEU A 388 15.93 -15.94 -15.85
N VAL A 389 16.24 -17.19 -16.17
CA VAL A 389 16.80 -18.09 -15.16
C VAL A 389 18.30 -18.29 -15.42
N THR A 390 19.13 -17.73 -14.56
CA THR A 390 20.54 -17.64 -14.88
C THR A 390 21.45 -17.70 -13.64
N LYS A 391 22.66 -18.24 -13.82
CA LYS A 391 23.72 -18.14 -12.82
C LYS A 391 24.70 -17.02 -13.16
N LYS A 392 24.50 -16.40 -14.31
CA LYS A 392 25.46 -15.41 -14.79
C LYS A 392 25.02 -13.98 -14.56
N VAL A 393 25.90 -13.20 -13.94
CA VAL A 393 25.61 -11.82 -13.59
C VAL A 393 25.34 -10.94 -14.79
N GLU A 394 26.24 -11.02 -15.77
CA GLU A 394 26.24 -10.05 -16.85
C GLU A 394 24.94 -10.16 -17.67
N GLU A 395 24.42 -11.37 -17.73
CA GLU A 395 23.10 -11.60 -18.32
C GLU A 395 22.06 -10.75 -17.57
N ALA A 396 21.82 -11.10 -16.32
CA ALA A 396 20.91 -10.33 -15.48
C ALA A 396 21.17 -8.83 -15.50
N GLU A 397 22.42 -8.40 -15.50
CA GLU A 397 22.69 -6.96 -15.55
C GLU A 397 22.23 -6.36 -16.89
N ALA A 398 22.29 -7.18 -17.92
CA ALA A 398 21.84 -6.76 -19.24
C ALA A 398 20.33 -6.63 -19.25
N PHE A 399 19.66 -7.59 -18.63
CA PHE A 399 18.22 -7.53 -18.44
C PHE A 399 17.83 -6.30 -17.59
N TYR A 400 18.67 -5.99 -16.60
CA TYR A 400 18.47 -4.83 -15.77
C TYR A 400 18.53 -3.59 -16.65
N LYS A 401 19.53 -3.54 -17.50
CA LYS A 401 19.74 -2.33 -18.30
C LYS A 401 18.62 -2.20 -19.33
N ARG A 402 18.04 -3.33 -19.71
CA ARG A 402 17.00 -3.38 -20.72
C ARG A 402 15.64 -2.98 -20.16
N ALA A 403 15.32 -3.50 -18.98
CA ALA A 403 14.16 -3.05 -18.25
C ALA A 403 14.24 -1.54 -18.11
N LEU A 404 15.37 -1.07 -17.58
CA LEU A 404 15.56 0.37 -17.41
C LEU A 404 15.37 1.13 -18.73
N GLU A 405 16.02 0.63 -19.79
CA GLU A 405 15.96 1.21 -21.13
C GLU A 405 14.51 1.39 -21.51
N LEU A 406 13.74 0.33 -21.33
CA LEU A 406 12.36 0.24 -21.79
C LEU A 406 11.43 1.11 -20.98
N GLY A 407 11.90 1.56 -19.82
CA GLY A 407 11.12 2.55 -19.11
C GLY A 407 10.25 2.00 -18.01
N HIS A 408 10.63 0.80 -17.53
CA HIS A 408 10.06 0.23 -16.31
C HIS A 408 11.01 0.49 -15.12
N GLU A 409 10.64 -0.02 -13.95
CA GLU A 409 11.27 0.38 -12.71
C GLU A 409 12.57 -0.35 -12.35
N GLY A 410 12.89 -1.46 -13.01
CA GLY A 410 14.03 -2.23 -12.53
C GLY A 410 13.86 -3.72 -12.73
N LEU A 411 14.57 -4.50 -11.91
CA LEU A 411 14.55 -5.94 -12.00
C LEU A 411 14.08 -6.58 -10.69
N MET A 412 13.21 -7.58 -10.82
CA MET A 412 12.85 -8.44 -9.71
C MET A 412 13.74 -9.68 -9.73
N ALA A 413 14.22 -10.05 -8.56
CA ALA A 413 14.90 -11.33 -8.38
C ALA A 413 14.05 -12.15 -7.43
N LYS A 414 13.86 -13.43 -7.73
CA LYS A 414 12.98 -14.28 -6.93
C LYS A 414 13.60 -15.68 -6.76
N ARG A 415 13.61 -16.24 -5.55
CA ARG A 415 14.30 -17.52 -5.34
C ARG A 415 13.52 -18.71 -5.93
N LEU A 416 14.19 -19.46 -6.80
CA LEU A 416 13.61 -20.61 -7.48
C LEU A 416 13.06 -21.70 -6.53
N ASP A 417 13.55 -21.74 -5.30
CA ASP A 417 12.99 -22.68 -4.33
C ASP A 417 11.78 -22.08 -3.62
N SER A 418 11.54 -20.79 -3.85
CA SER A 418 10.60 -20.02 -3.03
C SER A 418 9.15 -20.45 -3.13
N VAL A 419 8.56 -20.74 -1.98
CA VAL A 419 7.12 -20.77 -1.84
C VAL A 419 6.55 -19.35 -1.82
N TYR A 420 5.25 -19.22 -2.01
CA TYR A 420 4.65 -17.90 -1.90
C TYR A 420 4.41 -17.54 -0.42
N GLU A 421 4.92 -16.39 0.02
CA GLU A 421 4.87 -16.00 1.45
C GLU A 421 4.03 -14.74 1.55
N PRO A 422 2.72 -14.94 1.70
CA PRO A 422 1.77 -13.83 1.60
C PRO A 422 2.00 -12.76 2.66
N GLY A 423 2.14 -11.51 2.24
CA GLY A 423 2.26 -10.42 3.18
C GLY A 423 3.70 -10.22 3.62
N ASN A 424 4.53 -11.24 3.47
CA ASN A 424 5.87 -11.18 4.01
C ASN A 424 6.82 -10.41 3.12
N ARG A 425 7.70 -9.61 3.73
CA ARG A 425 8.78 -8.95 3.01
C ARG A 425 10.03 -9.79 3.27
N GLY A 426 10.42 -10.56 2.28
CA GLY A 426 11.48 -11.53 2.48
C GLY A 426 12.76 -11.14 1.77
N LYS A 427 13.75 -12.04 1.87
CA LYS A 427 14.92 -11.98 1.01
C LYS A 427 14.69 -12.95 -0.14
N LYS A 428 13.54 -13.62 -0.12
CA LYS A 428 13.19 -14.61 -1.17
C LYS A 428 12.74 -13.95 -2.50
N TRP A 429 12.02 -12.83 -2.44
CA TRP A 429 11.96 -11.96 -3.61
C TRP A 429 12.73 -10.70 -3.29
N LEU A 430 13.49 -10.21 -4.24
CA LEU A 430 14.16 -8.93 -4.02
C LEU A 430 13.96 -8.01 -5.19
N LYS A 431 14.07 -6.71 -4.93
CA LYS A 431 13.86 -5.77 -6.00
C LYS A 431 14.99 -4.77 -6.17
N ILE A 432 15.44 -4.66 -7.42
CA ILE A 432 16.62 -3.90 -7.75
C ILE A 432 16.27 -2.64 -8.53
N LYS A 433 16.47 -1.47 -7.93
CA LYS A 433 16.15 -0.20 -8.58
C LYS A 433 17.29 0.81 -8.49
N PRO A 434 17.27 1.84 -9.36
CA PRO A 434 18.03 3.07 -9.10
C PRO A 434 17.14 3.99 -8.25
N THR A 435 17.63 5.15 -7.83
CA THR A 435 16.92 5.91 -6.79
C THR A 435 15.94 6.93 -7.36
N MET A 436 15.92 7.05 -8.67
CA MET A 436 15.36 8.21 -9.36
C MET A 436 16.07 9.51 -8.97
N GLU A 437 15.34 10.55 -8.58
CA GLU A 437 15.81 11.92 -8.86
C GLU A 437 17.23 12.26 -8.38
N ASN A 438 18.05 12.64 -9.34
CA ASN A 438 19.43 13.01 -9.15
C ASN A 438 19.54 14.43 -8.63
N LEU A 439 20.62 14.75 -7.93
CA LEU A 439 20.80 16.11 -7.42
C LEU A 439 21.91 16.85 -8.15
N ASP A 440 21.70 18.13 -8.37
CA ASP A 440 22.72 18.98 -8.94
C ASP A 440 23.33 19.79 -7.78
N LEU A 441 24.63 19.58 -7.53
CA LEU A 441 25.32 20.21 -6.40
C LEU A 441 26.60 20.94 -6.80
N VAL A 442 27.06 21.84 -5.94
CA VAL A 442 28.23 22.65 -6.21
C VAL A 442 29.44 22.15 -5.45
N ILE A 443 30.61 22.21 -6.08
CA ILE A 443 31.79 21.64 -5.48
C ILE A 443 32.52 22.71 -4.66
N ILE A 444 32.48 22.55 -3.34
CA ILE A 444 33.16 23.47 -2.45
C ILE A 444 34.51 22.90 -2.05
N GLY A 445 34.80 21.68 -2.47
CA GLY A 445 35.98 21.01 -1.98
C GLY A 445 36.37 19.76 -2.77
N ALA A 446 37.46 19.14 -2.34
CA ALA A 446 38.05 18.03 -3.07
C ALA A 446 39.21 17.46 -2.28
N GLU A 447 39.72 16.34 -2.78
CA GLU A 447 40.81 15.65 -2.13
C GLU A 447 41.64 14.98 -3.24
N TRP A 448 42.96 15.04 -3.11
CA TRP A 448 43.85 14.47 -4.12
C TRP A 448 43.82 12.95 -4.13
N GLY A 449 44.10 12.40 -5.30
CA GLY A 449 44.29 10.98 -5.43
C GLY A 449 45.57 10.55 -4.74
N GLU A 450 45.77 9.24 -4.65
CA GLU A 450 47.03 8.71 -4.16
C GLU A 450 47.61 7.93 -5.32
N GLY A 451 48.80 7.37 -5.13
CA GLY A 451 49.45 6.62 -6.19
C GLY A 451 49.59 7.38 -7.50
N ARG A 452 49.14 6.75 -8.58
CA ARG A 452 49.33 7.32 -9.90
C ARG A 452 48.31 8.44 -10.15
N ARG A 453 47.28 8.51 -9.31
CA ARG A 453 46.26 9.56 -9.42
C ARG A 453 46.61 10.77 -8.56
N ALA A 454 47.74 10.69 -7.86
CA ALA A 454 48.14 11.68 -6.87
C ALA A 454 48.22 13.11 -7.39
N HIS A 455 48.40 13.30 -8.69
CA HIS A 455 48.50 14.65 -9.24
C HIS A 455 47.13 15.27 -9.56
N LEU A 456 46.09 14.50 -9.25
CA LEU A 456 44.75 14.88 -9.60
C LEU A 456 43.90 14.84 -8.35
N LEU A 457 42.72 15.46 -8.44
CA LEU A 457 41.74 15.38 -7.37
C LEU A 457 40.85 14.16 -7.65
N GLY A 458 40.84 13.19 -6.74
CA GLY A 458 40.05 11.98 -6.91
C GLY A 458 38.67 11.94 -6.24
N SER A 459 38.50 12.75 -5.21
CA SER A 459 37.25 12.76 -4.45
C SER A 459 36.70 14.18 -4.44
N PHE A 460 35.38 14.34 -4.57
CA PHE A 460 34.81 15.67 -4.69
C PHE A 460 33.75 15.96 -3.65
N LEU A 461 33.78 17.19 -3.13
CA LEU A 461 32.86 17.58 -2.07
C LEU A 461 31.76 18.48 -2.63
N VAL A 462 30.52 18.07 -2.36
CA VAL A 462 29.37 18.67 -3.00
C VAL A 462 28.45 19.32 -1.98
N ALA A 463 27.81 20.41 -2.39
CA ALA A 463 27.01 21.17 -1.47
C ALA A 463 25.76 21.70 -2.17
N ALA A 464 24.78 22.11 -1.38
CA ALA A 464 23.52 22.58 -1.92
C ALA A 464 23.25 24.00 -1.47
N TYR A 465 22.42 24.71 -2.22
CA TYR A 465 22.13 26.11 -1.93
C TYR A 465 21.14 26.22 -0.77
N ASP A 466 21.26 27.29 -0.01
CA ASP A 466 20.24 27.72 0.94
C ASP A 466 19.98 29.20 0.73
N PRO A 467 19.03 29.52 -0.15
CA PRO A 467 18.76 30.90 -0.56
C PRO A 467 18.39 31.82 0.61
N ASP A 468 18.01 31.24 1.75
CA ASP A 468 17.87 31.99 2.99
C ASP A 468 19.23 32.52 3.39
N SER A 469 20.16 31.57 3.51
CA SER A 469 21.52 31.84 3.97
C SER A 469 22.39 32.54 2.94
N GLY A 470 22.50 31.94 1.76
CA GLY A 470 23.53 32.32 0.80
C GLY A 470 24.78 31.48 1.01
N GLU A 471 24.82 30.78 2.14
CA GLU A 471 25.92 29.89 2.51
C GLU A 471 25.78 28.57 1.75
N PHE A 472 26.90 27.96 1.37
CA PHE A 472 26.85 26.73 0.59
C PHE A 472 27.13 25.50 1.45
N LEU A 473 26.10 24.68 1.63
CA LEU A 473 26.15 23.64 2.65
C LEU A 473 26.45 22.24 2.12
N PRO A 474 27.50 21.61 2.69
CA PRO A 474 28.01 20.32 2.21
C PRO A 474 27.00 19.21 2.41
N VAL A 475 27.01 18.26 1.48
CA VAL A 475 25.99 17.23 1.38
C VAL A 475 26.65 15.87 1.45
N GLY A 476 27.58 15.62 0.53
CA GLY A 476 28.40 14.43 0.59
C GLY A 476 29.75 14.60 -0.08
N LYS A 477 30.54 13.51 -0.11
CA LYS A 477 31.76 13.46 -0.90
C LYS A 477 31.63 12.36 -1.96
N VAL A 478 31.79 12.74 -3.21
CA VAL A 478 31.66 11.77 -4.30
C VAL A 478 33.02 11.41 -4.91
N GLY A 479 33.40 10.15 -4.79
CA GLY A 479 34.60 9.65 -5.43
C GLY A 479 34.35 8.81 -6.69
N SER A 480 33.10 8.40 -6.88
CA SER A 480 32.78 7.40 -7.90
C SER A 480 32.12 7.99 -9.13
N GLY A 481 32.39 7.36 -10.28
CA GLY A 481 31.73 7.72 -11.53
C GLY A 481 32.55 8.58 -12.49
N PHE A 482 33.85 8.69 -12.24
CA PHE A 482 34.73 9.46 -13.12
C PHE A 482 35.70 8.58 -13.92
N THR A 483 35.86 8.91 -15.20
CA THR A 483 36.95 8.41 -16.03
C THR A 483 38.25 9.11 -15.61
N ASP A 484 39.41 8.56 -15.98
CA ASP A 484 40.66 9.26 -15.69
C ASP A 484 40.72 10.63 -16.38
N GLU A 485 40.16 10.72 -17.59
CA GLU A 485 40.15 12.01 -18.29
C GLU A 485 39.12 12.95 -17.71
N ASP A 486 38.09 12.36 -17.08
CA ASP A 486 37.12 13.15 -16.29
C ASP A 486 37.82 13.87 -15.17
N LEU A 487 38.63 13.12 -14.43
CA LEU A 487 39.42 13.69 -13.34
C LEU A 487 40.41 14.71 -13.88
N VAL A 488 41.02 14.44 -15.03
CA VAL A 488 41.93 15.42 -15.64
C VAL A 488 41.22 16.74 -15.92
N GLU A 489 40.17 16.67 -16.72
CA GLU A 489 39.34 17.81 -17.12
C GLU A 489 38.86 18.59 -15.89
N PHE A 490 38.40 17.85 -14.90
CA PHE A 490 37.90 18.45 -13.67
C PHE A 490 39.03 19.09 -12.87
N THR A 491 40.23 18.51 -12.93
CA THR A 491 41.38 19.09 -12.27
C THR A 491 41.71 20.42 -12.94
N LYS A 492 41.82 20.39 -14.25
CA LYS A 492 42.07 21.59 -15.05
C LYS A 492 41.11 22.69 -14.65
N MET A 493 39.81 22.42 -14.68
CA MET A 493 38.85 23.48 -14.38
C MET A 493 38.85 23.93 -12.91
N LEU A 494 39.06 23.01 -11.99
CA LEU A 494 39.02 23.37 -10.58
C LEU A 494 40.33 23.99 -10.14
N LYS A 495 41.32 23.96 -11.03
CA LYS A 495 42.65 24.54 -10.75
C LYS A 495 42.58 26.04 -10.37
N PRO A 496 41.96 26.90 -11.22
CA PRO A 496 41.85 28.31 -10.84
C PRO A 496 41.09 28.56 -9.54
N LEU A 497 40.09 27.74 -9.25
CA LEU A 497 39.12 28.06 -8.21
C LEU A 497 39.52 27.73 -6.76
N ILE A 498 40.70 27.15 -6.56
CA ILE A 498 41.05 26.64 -5.23
C ILE A 498 41.47 27.75 -4.27
N LEU A 499 40.70 27.93 -3.19
CA LEU A 499 40.85 29.10 -2.31
C LEU A 499 41.79 28.88 -1.13
N ARG A 500 42.18 27.64 -0.88
CA ARG A 500 42.88 27.30 0.36
C ARG A 500 43.31 25.83 0.36
N GLU A 501 44.28 25.49 1.20
CA GLU A 501 44.80 24.12 1.26
C GLU A 501 45.32 23.72 2.64
N GLU A 502 44.99 22.49 3.05
CA GLU A 502 45.65 21.79 4.16
C GLU A 502 45.54 20.29 3.92
N GLY A 503 46.57 19.51 4.24
CA GLY A 503 46.52 18.07 4.01
C GLY A 503 46.34 17.70 2.55
N LYS A 504 45.53 16.67 2.26
CA LYS A 504 45.17 16.35 0.88
C LYS A 504 43.90 17.09 0.51
N PHE A 505 43.30 17.74 1.51
CA PHE A 505 42.08 18.52 1.30
C PHE A 505 42.40 19.86 0.66
N VAL A 506 41.47 20.33 -0.17
CA VAL A 506 41.55 21.70 -0.68
C VAL A 506 40.26 22.43 -0.28
N GLU A 507 40.18 23.72 -0.57
CA GLU A 507 38.95 24.50 -0.41
C GLU A 507 38.69 25.27 -1.70
N ILE A 508 37.46 25.21 -2.20
CA ILE A 508 37.19 25.65 -3.56
C ILE A 508 36.11 26.72 -3.66
N GLU A 509 36.20 27.55 -4.69
CA GLU A 509 35.15 28.49 -5.01
C GLU A 509 33.94 27.72 -5.50
N PRO A 510 32.78 28.05 -4.94
CA PRO A 510 31.51 27.52 -5.45
C PRO A 510 31.24 28.07 -6.84
N LYS A 511 31.85 27.45 -7.83
CA LYS A 511 31.45 27.67 -9.21
C LYS A 511 30.69 26.47 -9.79
N VAL A 512 31.38 25.33 -9.82
CA VAL A 512 30.99 24.18 -10.65
C VAL A 512 29.90 23.29 -10.06
N VAL A 513 28.83 23.10 -10.84
CA VAL A 513 27.68 22.30 -10.47
C VAL A 513 27.69 20.97 -11.25
N ILE A 514 27.59 19.84 -10.54
CA ILE A 514 27.52 18.52 -11.20
C ILE A 514 26.23 17.77 -10.86
N GLU A 515 25.76 16.96 -11.79
CA GLU A 515 24.60 16.13 -11.48
C GLU A 515 25.05 14.83 -10.81
N VAL A 516 24.45 14.51 -9.67
CA VAL A 516 24.87 13.37 -8.90
C VAL A 516 23.69 12.45 -8.52
N THR A 517 23.95 11.15 -8.62
CA THR A 517 23.06 10.11 -8.11
C THR A 517 23.65 9.55 -6.80
N TYR A 518 22.77 9.05 -5.94
CA TYR A 518 23.15 8.48 -4.66
C TYR A 518 22.29 7.26 -4.45
N GLN A 519 22.70 6.38 -3.55
CA GLN A 519 21.85 5.26 -3.15
C GLN A 519 20.78 5.71 -2.15
N GLU A 520 21.17 6.54 -1.19
CA GLU A 520 20.28 6.89 -0.10
C GLU A 520 20.62 8.26 0.47
N ILE A 521 19.64 8.92 1.06
CA ILE A 521 19.89 10.11 1.85
C ILE A 521 19.85 9.73 3.33
N GLN A 522 20.91 10.05 4.06
CA GLN A 522 20.90 9.81 5.51
C GLN A 522 20.92 11.18 6.23
N LYS A 523 20.43 11.20 7.46
CA LYS A 523 20.62 12.36 8.31
C LYS A 523 21.91 12.20 9.10
N SER A 524 22.84 13.14 8.92
CA SER A 524 24.07 13.09 9.72
C SER A 524 24.56 14.48 10.11
N PRO A 525 25.08 14.59 11.35
CA PRO A 525 25.65 15.83 11.87
C PRO A 525 26.99 16.20 11.18
N LYS A 526 27.63 15.25 10.52
CA LYS A 526 28.95 15.50 9.93
C LYS A 526 29.02 16.67 8.92
N TYR A 527 27.89 17.02 8.32
CA TYR A 527 27.82 18.18 7.42
C TYR A 527 26.87 19.22 8.00
N ARG A 528 27.11 20.52 7.74
CA ARG A 528 26.21 21.54 8.28
C ARG A 528 24.83 21.56 7.60
N SER A 529 24.66 20.78 6.54
CA SER A 529 23.34 20.62 5.92
C SER A 529 22.46 19.67 6.73
N GLY A 530 23.10 18.82 7.53
CA GLY A 530 22.38 17.92 8.43
C GLY A 530 22.10 16.60 7.76
N PHE A 531 22.21 16.59 6.44
CA PHE A 531 21.98 15.38 5.66
C PHE A 531 23.26 14.95 5.01
N ALA A 532 23.35 13.66 4.68
CA ALA A 532 24.57 13.12 4.13
C ALA A 532 24.31 12.10 3.00
N LEU A 533 24.81 12.38 1.79
CA LEU A 533 24.55 11.47 0.66
C LEU A 533 25.30 10.14 0.78
N ARG A 534 24.53 9.06 0.79
CA ARG A 534 25.06 7.70 0.93
C ARG A 534 25.42 7.13 -0.45
N PHE A 535 26.66 6.65 -0.57
CA PHE A 535 27.24 6.16 -1.84
C PHE A 535 26.90 6.97 -3.11
N PRO A 536 27.23 8.27 -3.09
CA PRO A 536 26.91 9.14 -4.22
C PRO A 536 27.80 8.78 -5.40
N ARG A 537 27.35 9.14 -6.60
CA ARG A 537 28.07 8.75 -7.81
C ARG A 537 27.90 9.85 -8.86
N TYR A 538 28.89 10.01 -9.73
CA TYR A 538 28.88 11.06 -10.75
C TYR A 538 28.08 10.63 -11.97
N VAL A 539 27.18 11.49 -12.42
CA VAL A 539 26.38 11.19 -13.60
C VAL A 539 26.80 12.07 -14.78
N ALA A 540 26.64 13.38 -14.60
CA ALA A 540 27.02 14.34 -15.63
C ALA A 540 27.46 15.67 -14.99
N LEU A 541 27.89 16.60 -15.83
CA LEU A 541 28.39 17.91 -15.38
C LEU A 541 27.48 19.01 -15.92
N ARG A 542 27.25 20.06 -15.15
CA ARG A 542 26.40 21.15 -15.64
C ARG A 542 27.14 22.49 -15.75
N GLU A 543 27.42 22.91 -16.98
CA GLU A 543 27.99 24.22 -17.24
C GLU A 543 26.88 25.17 -17.61
N ASP A 544 25.67 24.61 -17.70
CA ASP A 544 24.47 25.35 -18.04
C ASP A 544 23.79 25.90 -16.79
N LYS A 545 24.41 25.69 -15.63
CA LYS A 545 23.80 26.08 -14.37
C LYS A 545 24.70 26.96 -13.51
N SER A 546 24.11 27.59 -12.50
CA SER A 546 24.85 28.44 -11.58
C SER A 546 24.85 27.77 -10.22
N PRO A 547 25.85 28.08 -9.39
CA PRO A 547 25.90 27.57 -8.01
C PRO A 547 24.66 27.95 -7.19
N GLU A 548 24.05 29.10 -7.50
CA GLU A 548 22.85 29.52 -6.79
C GLU A 548 21.67 28.73 -7.36
N GLU A 549 21.81 28.30 -8.61
CA GLU A 549 20.76 27.57 -9.30
C GLU A 549 20.81 26.07 -9.05
N ALA A 550 21.78 25.64 -8.24
CA ALA A 550 21.90 24.24 -7.87
C ALA A 550 20.79 23.87 -6.89
N ASP A 551 20.51 22.57 -6.78
CA ASP A 551 19.43 22.10 -5.90
C ASP A 551 19.67 22.50 -4.44
N THR A 552 18.57 22.59 -3.69
CA THR A 552 18.55 23.29 -2.41
C THR A 552 18.31 22.33 -1.25
N ILE A 553 18.76 22.74 -0.07
CA ILE A 553 18.61 21.92 1.14
C ILE A 553 17.14 21.61 1.40
N GLU A 554 16.27 22.59 1.15
CA GLU A 554 14.84 22.39 1.29
C GLU A 554 14.38 21.21 0.42
N ARG A 555 14.79 21.23 -0.85
CA ARG A 555 14.56 20.09 -1.74
C ARG A 555 15.12 18.79 -1.14
N ILE A 556 16.30 18.85 -0.54
CA ILE A 556 16.88 17.65 0.08
C ILE A 556 16.06 17.14 1.27
N ALA A 557 15.70 18.03 2.19
CA ALA A 557 14.87 17.66 3.33
C ALA A 557 13.54 17.06 2.86
N GLN A 558 12.95 17.69 1.85
CA GLN A 558 11.73 17.21 1.21
C GLN A 558 11.88 15.78 0.73
N LEU A 559 12.96 15.52 -0.04
CA LEU A 559 13.25 14.19 -0.57
C LEU A 559 13.49 13.14 0.52
N TYR A 560 14.12 13.56 1.62
CA TYR A 560 14.39 12.66 2.74
C TYR A 560 13.07 12.29 3.40
N GLU A 561 12.21 13.29 3.57
CA GLU A 561 10.92 13.06 4.18
C GLU A 561 10.03 12.20 3.28
N LEU A 562 10.21 12.33 1.96
CA LEU A 562 9.55 11.45 0.98
C LEU A 562 10.25 10.08 0.86
N GLN A 563 11.39 9.92 1.54
CA GLN A 563 12.08 8.62 1.55
C GLN A 563 11.48 7.66 2.57
N GLU A 564 10.39 8.10 3.22
CA GLU A 564 9.52 7.18 3.97
C GLU A 564 8.10 7.75 4.12
MG MG B . 4.25 0.72 -7.88
#